data_3MFG
#
_entry.id   3MFG
#
_cell.length_a   242.620
_cell.length_b   242.620
_cell.length_c   47.140
_cell.angle_alpha   90.000
_cell.angle_beta   90.000
_cell.angle_gamma   90.000
#
_symmetry.space_group_name_H-M   'I 4 2 2'
#
loop_
_entity.id
_entity.type
_entity.pdbx_description
1 polymer 'Toxic shock syndrome toxin-1'
2 polymer 'V_segment translation product'
3 non-polymer 'SULFATE ION'
4 non-polymer GLYCEROL
5 water water
#
loop_
_entity_poly.entity_id
_entity_poly.type
_entity_poly.pdbx_seq_one_letter_code
_entity_poly.pdbx_strand_id
1 'polypeptide(L)'
;STNDNIKDLLDWYSSGSDTFTNSEVLDNSLGSMRIKNTDGSISLIIFPSPYYSPAFTKGEKVDLNTKRTKKSQHTSEGTY
IHFQISGVTNTEKLPTPIELPLKVKVHGKDSPLKYWPKFDKKQLAISTLDFEIRHQLTQIHGLYRSSDKTGGYWKITMND
GSTYQSDLSKKFEYNTEKPPINIDEIKTIEAEIN
;
A
2 'polypeptide(L)'
;GAVVSQHPSRVIVKSGTSVKIECRSLDFQATTMFWYRQFPKQSLMLMATSNEGSKATYEQGVEKDKFLINHASLTLSTLT
VTSAHPEDSGFYICSALAGSGSSTDTQYFGPGTRLTVL
;
B
#
loop_
_chem_comp.id
_chem_comp.type
_chem_comp.name
_chem_comp.formula
GOL non-polymer GLYCEROL 'C3 H8 O3'
SO4 non-polymer 'SULFATE ION' 'O4 S -2'
#
# COMPACT_ATOMS: atom_id res chain seq x y z
N ASP A 4 21.54 5.16 -4.02
CA ASP A 4 21.15 6.29 -3.10
C ASP A 4 19.90 5.98 -2.17
N ASN A 5 19.86 6.70 -1.05
CA ASN A 5 19.02 6.33 0.05
C ASN A 5 17.77 7.12 0.18
N ILE A 6 17.76 8.35 -0.31
CA ILE A 6 16.51 9.00 -0.52
C ILE A 6 15.70 8.24 -1.58
N LYS A 7 16.32 7.67 -2.61
CA LYS A 7 15.61 6.88 -3.58
C LYS A 7 15.03 5.61 -2.96
N ASP A 8 15.72 5.04 -1.98
CA ASP A 8 15.25 3.76 -1.45
C ASP A 8 14.08 4.04 -0.53
N LEU A 9 14.14 5.14 0.20
CA LEU A 9 13.02 5.52 1.01
C LEU A 9 11.78 5.78 0.14
N LEU A 10 11.98 6.29 -1.07
CA LEU A 10 10.88 6.70 -1.91
C LEU A 10 10.16 5.45 -2.44
N ASP A 11 10.95 4.50 -2.91
CA ASP A 11 10.50 3.23 -3.42
C ASP A 11 9.75 2.36 -2.40
N TRP A 12 10.24 2.39 -1.15
CA TRP A 12 9.62 1.71 -0.07
C TRP A 12 8.32 2.40 0.24
N TYR A 13 8.35 3.69 0.52
CA TYR A 13 7.16 4.30 1.05
C TYR A 13 6.16 4.77 -0.01
N SER A 14 6.57 4.88 -1.26
CA SER A 14 5.55 5.13 -2.29
C SER A 14 4.98 3.89 -2.95
N SER A 15 5.40 2.70 -2.56
CA SER A 15 4.82 1.51 -3.16
C SER A 15 3.63 1.07 -2.33
N GLY A 16 2.87 0.08 -2.82
CA GLY A 16 1.72 -0.40 -2.05
C GLY A 16 2.11 -1.30 -0.88
N SER A 17 1.13 -1.60 -0.03
CA SER A 17 1.23 -2.51 1.10
C SER A 17 0.18 -3.64 0.99
N ASP A 18 0.38 -4.73 1.73
CA ASP A 18 -0.56 -5.82 1.73
C ASP A 18 -1.43 -5.63 2.90
N THR A 19 -2.75 -5.64 2.67
CA THR A 19 -3.72 -5.49 3.70
C THR A 19 -4.55 -6.78 3.67
N PHE A 20 -4.42 -7.65 4.66
CA PHE A 20 -5.24 -8.87 4.71
C PHE A 20 -6.12 -8.88 5.94
N THR A 21 -7.34 -9.40 5.85
CA THR A 21 -8.23 -9.54 7.04
C THR A 21 -8.56 -11.03 7.29
N ASN A 22 -8.69 -11.34 8.59
CA ASN A 22 -9.00 -12.68 9.10
C ASN A 22 -8.19 -13.80 8.57
N SER A 23 -6.91 -13.53 8.38
CA SER A 23 -5.97 -14.57 8.04
C SER A 23 -5.81 -15.44 9.29
N GLU A 24 -5.23 -16.62 9.13
CA GLU A 24 -5.19 -17.59 10.25
C GLU A 24 -3.72 -17.95 10.54
N VAL A 25 -3.36 -17.96 11.82
CA VAL A 25 -1.97 -18.28 12.21
C VAL A 25 -1.74 -19.77 12.05
N LEU A 26 -0.77 -20.17 11.25
CA LEU A 26 -0.40 -21.56 11.19
C LEU A 26 0.71 -21.90 12.22
N ASP A 27 1.75 -21.08 12.30
CA ASP A 27 2.83 -21.26 13.27
C ASP A 27 3.18 -19.90 13.90
N ASN A 28 3.79 -19.92 15.08
CA ASN A 28 4.34 -18.75 15.72
C ASN A 28 5.61 -19.05 16.52
N SER A 29 6.75 -19.01 15.82
CA SER A 29 8.05 -18.98 16.36
C SER A 29 8.46 -17.59 16.86
N LEU A 30 9.61 -17.61 17.56
CA LEU A 30 10.32 -16.43 18.07
C LEU A 30 10.83 -15.69 16.85
N GLY A 31 10.46 -14.44 16.70
CA GLY A 31 10.98 -13.69 15.54
C GLY A 31 10.20 -13.82 14.24
N SER A 32 9.11 -14.57 14.23
CA SER A 32 8.34 -14.79 12.99
C SER A 32 6.94 -15.25 13.24
N MET A 33 6.14 -15.24 12.16
CA MET A 33 4.83 -15.84 12.14
C MET A 33 4.63 -16.47 10.80
N ARG A 34 3.83 -17.52 10.71
CA ARG A 34 3.48 -18.12 9.43
C ARG A 34 1.98 -18.12 9.42
N ILE A 35 1.44 -17.44 8.41
CA ILE A 35 0.01 -17.16 8.37
C ILE A 35 -0.56 -17.62 7.04
N LYS A 36 -1.83 -18.02 7.05
CA LYS A 36 -2.57 -18.42 5.84
C LYS A 36 -3.60 -17.37 5.66
N ASN A 37 -3.50 -16.67 4.52
CA ASN A 37 -4.49 -15.66 4.17
C ASN A 37 -5.79 -16.27 3.54
N THR A 38 -6.92 -15.60 3.68
CA THR A 38 -8.13 -16.08 3.08
C THR A 38 -8.12 -16.26 1.56
N ASP A 39 -7.09 -15.84 0.85
CA ASP A 39 -7.01 -16.12 -0.59
C ASP A 39 -6.10 -17.26 -0.84
N GLY A 40 -5.67 -17.92 0.22
CA GLY A 40 -4.83 -19.13 0.12
C GLY A 40 -3.33 -18.83 -0.01
N SER A 41 -2.97 -17.55 -0.03
CA SER A 41 -1.52 -17.19 0.05
C SER A 41 -0.99 -17.52 1.47
N ILE A 42 0.28 -17.81 1.53
CA ILE A 42 0.97 -17.98 2.79
C ILE A 42 1.91 -16.82 3.04
N SER A 43 1.84 -16.22 4.23
CA SER A 43 2.72 -15.14 4.63
C SER A 43 3.76 -15.60 5.63
N LEU A 44 5.03 -15.46 5.28
CA LEU A 44 6.15 -15.62 6.18
C LEU A 44 6.58 -14.19 6.66
N ILE A 45 6.16 -13.80 7.85
CA ILE A 45 6.36 -12.45 8.38
C ILE A 45 7.43 -12.40 9.49
N ILE A 46 8.45 -11.54 9.32
CA ILE A 46 9.51 -11.32 10.32
C ILE A 46 9.14 -10.28 11.36
N PHE A 47 9.46 -10.57 12.63
CA PHE A 47 9.20 -9.69 13.80
C PHE A 47 10.48 -9.54 14.65
N PRO A 48 11.32 -8.54 14.32
CA PRO A 48 12.71 -8.56 14.84
C PRO A 48 12.86 -7.90 16.18
N SER A 49 11.81 -7.33 16.70
CA SER A 49 11.84 -6.57 17.93
C SER A 49 11.34 -7.31 19.16
N PRO A 50 12.11 -7.25 20.27
CA PRO A 50 11.72 -7.93 21.50
C PRO A 50 10.64 -7.19 22.19
N TYR A 51 10.37 -5.95 21.78
CA TYR A 51 9.22 -5.19 22.34
C TYR A 51 7.86 -5.47 21.62
N TYR A 52 7.89 -6.12 20.46
CA TYR A 52 6.67 -6.42 19.66
C TYR A 52 6.90 -7.81 19.07
N SER A 53 6.53 -8.77 19.90
CA SER A 53 6.65 -10.19 19.62
C SER A 53 5.21 -10.67 19.63
N PRO A 54 4.58 -10.71 18.46
CA PRO A 54 3.21 -11.20 18.37
C PRO A 54 3.08 -12.56 19.08
N ALA A 55 2.00 -12.67 19.85
CA ALA A 55 1.77 -13.80 20.78
C ALA A 55 0.57 -14.70 20.33
N PHE A 56 0.06 -14.45 19.13
CA PHE A 56 -1.18 -15.19 18.68
C PHE A 56 -0.91 -16.67 18.53
N THR A 57 -1.86 -17.49 18.95
CA THR A 57 -1.71 -18.97 18.90
C THR A 57 -2.28 -19.56 17.61
N LYS A 58 -1.75 -20.73 17.23
CA LYS A 58 -2.32 -21.55 16.13
C LYS A 58 -3.83 -21.48 16.04
N GLY A 59 -4.33 -21.15 14.84
CA GLY A 59 -5.79 -21.11 14.58
C GLY A 59 -6.50 -19.83 14.95
N GLU A 60 -5.77 -18.89 15.51
CA GLU A 60 -6.41 -17.62 15.81
C GLU A 60 -6.38 -16.77 14.52
N LYS A 61 -7.30 -15.82 14.49
CA LYS A 61 -7.51 -14.91 13.37
C LYS A 61 -6.77 -13.63 13.64
N VAL A 62 -6.02 -13.17 12.64
CA VAL A 62 -5.28 -11.90 12.71
C VAL A 62 -5.50 -11.04 11.45
N ASP A 63 -5.16 -9.75 11.55
CA ASP A 63 -5.20 -8.81 10.43
C ASP A 63 -3.77 -8.50 10.03
N LEU A 64 -3.50 -8.35 8.74
CA LEU A 64 -2.19 -7.99 8.27
C LEU A 64 -2.26 -6.57 7.63
N ASN A 65 -1.42 -5.63 8.10
CA ASN A 65 -1.13 -4.35 7.41
C ASN A 65 0.37 -4.17 7.29
N THR A 66 0.96 -4.63 6.20
CA THR A 66 2.39 -4.96 6.18
C THR A 66 3.08 -4.73 4.82
N LYS A 67 4.39 -4.86 4.79
CA LYS A 67 5.15 -4.62 3.56
C LYS A 67 6.06 -5.77 3.31
N ARG A 68 6.41 -5.94 2.03
CA ARG A 68 7.13 -7.02 1.54
C ARG A 68 8.57 -6.71 1.56
N THR A 69 9.40 -7.67 1.93
CA THR A 69 10.83 -7.44 2.07
C THR A 69 11.58 -7.98 0.87
N LYS A 70 10.92 -8.83 0.10
CA LYS A 70 11.40 -9.19 -1.21
C LYS A 70 10.21 -9.80 -2.05
N LYS A 71 10.52 -10.16 -3.27
CA LYS A 71 9.54 -10.57 -4.24
C LYS A 71 8.83 -11.83 -3.76
N SER A 72 7.48 -11.75 -3.71
CA SER A 72 6.65 -12.91 -3.50
C SER A 72 6.93 -14.03 -4.56
N GLN A 73 6.78 -15.29 -4.16
CA GLN A 73 7.18 -16.43 -4.99
C GLN A 73 6.13 -17.51 -4.95
N HIS A 74 6.12 -18.35 -5.98
CA HIS A 74 5.20 -19.50 -6.06
C HIS A 74 6.02 -20.77 -5.85
N THR A 75 5.44 -21.76 -5.18
CA THR A 75 6.15 -23.04 -4.97
C THR A 75 5.79 -23.97 -6.13
N SER A 76 5.67 -25.26 -5.81
CA SER A 76 4.81 -26.20 -6.53
C SER A 76 4.46 -27.29 -5.50
N GLU A 77 3.18 -27.59 -5.18
CA GLU A 77 1.96 -27.15 -5.86
C GLU A 77 2.12 -25.97 -6.79
N GLY A 78 1.45 -24.87 -6.45
CA GLY A 78 1.89 -23.53 -6.84
C GLY A 78 1.37 -22.60 -5.73
N THR A 79 1.84 -22.81 -4.49
CA THR A 79 1.35 -21.98 -3.41
C THR A 79 2.05 -20.64 -3.53
N TYR A 80 1.32 -19.57 -3.30
CA TYR A 80 1.87 -18.22 -3.38
C TYR A 80 2.37 -17.78 -2.00
N ILE A 81 3.66 -17.50 -1.89
CA ILE A 81 4.23 -17.05 -0.56
C ILE A 81 4.68 -15.63 -0.56
N HIS A 82 4.23 -14.89 0.45
CA HIS A 82 4.58 -13.52 0.69
C HIS A 82 5.62 -13.49 1.84
N PHE A 83 6.71 -12.74 1.64
CA PHE A 83 7.76 -12.46 2.64
C PHE A 83 7.63 -11.05 3.10
N GLN A 84 7.28 -10.88 4.36
CA GLN A 84 6.84 -9.59 4.83
C GLN A 84 7.52 -9.23 6.22
N ILE A 85 7.28 -8.02 6.72
CA ILE A 85 7.82 -7.57 7.99
C ILE A 85 6.79 -6.80 8.80
N SER A 86 6.57 -7.26 10.02
CA SER A 86 5.73 -6.60 11.01
C SER A 86 4.29 -6.51 10.57
N GLY A 87 3.47 -5.87 11.37
CA GLY A 87 2.17 -5.48 10.90
C GLY A 87 1.02 -6.47 11.14
N VAL A 88 1.17 -7.38 12.13
CA VAL A 88 0.11 -8.26 12.53
C VAL A 88 -0.61 -7.76 13.78
N THR A 89 -1.93 -7.68 13.72
CA THR A 89 -2.74 -7.25 14.80
C THR A 89 -3.99 -8.11 14.97
N ASN A 90 -4.78 -7.79 15.99
CA ASN A 90 -5.99 -8.53 16.23
C ASN A 90 -7.05 -8.06 15.21
N THR A 91 -8.26 -8.61 15.27
CA THR A 91 -9.29 -8.32 14.29
C THR A 91 -10.36 -7.41 14.88
N GLU A 92 -10.20 -6.92 16.09
CA GLU A 92 -11.26 -6.09 16.61
C GLU A 92 -11.49 -4.86 15.72
N LYS A 93 -12.74 -4.47 15.55
CA LYS A 93 -13.05 -3.33 14.72
C LYS A 93 -13.61 -2.25 15.61
N LEU A 94 -13.54 -1.00 15.13
CA LEU A 94 -14.24 0.12 15.75
C LEU A 94 -15.67 0.08 15.26
N PRO A 95 -16.59 0.74 15.97
CA PRO A 95 -18.00 0.73 15.52
C PRO A 95 -18.20 1.35 14.14
N THR A 96 -17.54 2.49 13.94
CA THR A 96 -17.56 3.23 12.69
C THR A 96 -16.12 3.65 12.31
N PRO A 97 -15.76 3.64 11.02
CA PRO A 97 -14.43 4.08 10.62
C PRO A 97 -14.11 5.51 11.03
N ILE A 98 -12.84 5.79 11.31
CA ILE A 98 -12.42 7.13 11.71
C ILE A 98 -11.21 7.67 10.88
N GLU A 99 -11.14 9.00 10.77
CA GLU A 99 -9.99 9.69 10.17
C GLU A 99 -9.08 9.94 11.35
N LEU A 100 -7.84 9.49 11.27
CA LEU A 100 -6.89 9.76 12.31
C LEU A 100 -6.54 11.23 12.17
N PRO A 101 -6.17 11.89 13.28
CA PRO A 101 -6.02 13.34 13.21
C PRO A 101 -4.64 13.78 12.78
N LEU A 102 -4.35 13.64 11.48
CA LEU A 102 -3.08 14.08 10.92
C LEU A 102 -3.14 15.57 10.53
N LYS A 103 -2.08 16.28 10.89
CA LYS A 103 -1.85 17.63 10.40
C LYS A 103 -0.48 17.56 9.84
N VAL A 104 -0.26 18.23 8.70
CA VAL A 104 1.02 18.25 8.02
C VAL A 104 1.52 19.67 7.80
N LYS A 105 2.83 19.85 7.94
CA LYS A 105 3.51 21.10 7.61
C LYS A 105 4.66 20.78 6.69
N VAL A 106 4.89 21.67 5.72
CA VAL A 106 6.02 21.60 4.79
C VAL A 106 6.72 22.98 4.95
N HIS A 107 7.98 22.96 5.35
CA HIS A 107 8.69 24.18 5.74
C HIS A 107 7.77 25.17 6.50
N GLY A 108 7.32 24.78 7.67
CA GLY A 108 6.56 25.70 8.51
C GLY A 108 5.13 25.96 8.11
N LYS A 109 4.71 25.61 6.87
CA LYS A 109 3.35 25.95 6.39
C LYS A 109 2.39 24.74 6.43
N ASP A 110 1.18 24.98 6.94
CA ASP A 110 0.10 24.00 6.94
C ASP A 110 -0.28 23.49 5.55
N SER A 111 -0.09 22.19 5.32
CA SER A 111 -0.41 21.59 4.02
C SER A 111 -1.62 20.69 4.16
N PRO A 112 -2.67 20.95 3.38
CA PRO A 112 -3.84 20.11 3.49
C PRO A 112 -3.62 18.69 2.97
N LEU A 113 -4.48 17.81 3.44
CA LEU A 113 -4.43 16.40 3.13
C LEU A 113 -5.27 16.13 1.87
N LYS A 114 -4.89 15.09 1.14
CA LYS A 114 -5.72 14.53 0.08
C LYS A 114 -5.55 13.01 0.18
N TYR A 115 -6.67 12.30 0.24
CA TYR A 115 -6.74 10.84 0.10
C TYR A 115 -6.14 10.23 1.30
N TRP A 116 -6.41 10.83 2.44
CA TRP A 116 -5.98 10.32 3.70
C TRP A 116 -7.14 9.46 4.23
N PRO A 117 -6.93 8.14 4.27
CA PRO A 117 -8.05 7.22 4.39
C PRO A 117 -8.47 7.08 5.82
N LYS A 118 -9.68 6.57 6.00
CA LYS A 118 -10.18 6.24 7.30
C LYS A 118 -9.77 4.82 7.60
N PHE A 119 -9.65 4.49 8.90
CA PHE A 119 -9.40 3.13 9.35
C PHE A 119 -10.55 2.66 10.22
N ASP A 120 -10.89 1.36 10.14
CA ASP A 120 -11.92 0.82 11.01
C ASP A 120 -11.44 -0.23 12.03
N LYS A 121 -10.13 -0.38 12.16
CA LYS A 121 -9.54 -1.27 13.14
C LYS A 121 -9.27 -0.61 14.51
N LYS A 122 -9.19 -1.43 15.54
CA LYS A 122 -8.96 -0.89 16.89
C LYS A 122 -7.49 -0.61 17.06
N GLN A 123 -6.65 -1.49 16.54
CA GLN A 123 -5.21 -1.34 16.72
C GLN A 123 -4.48 -1.35 15.41
N LEU A 124 -3.36 -0.62 15.35
CA LEU A 124 -2.46 -0.74 14.23
C LEU A 124 -1.07 -0.83 14.81
N ALA A 125 -0.22 -1.67 14.24
CA ALA A 125 1.16 -1.54 14.45
C ALA A 125 1.66 -0.13 14.13
N ILE A 126 2.70 0.24 14.89
CA ILE A 126 3.40 1.49 14.70
C ILE A 126 4.06 1.47 13.38
N SER A 127 4.61 0.33 12.97
CA SER A 127 5.21 0.30 11.67
C SER A 127 4.16 0.64 10.56
N THR A 128 2.87 0.36 10.81
CA THR A 128 1.82 0.59 9.83
C THR A 128 1.38 2.04 9.86
N LEU A 129 1.39 2.62 11.04
CA LEU A 129 1.18 4.04 11.15
C LEU A 129 2.33 4.76 10.45
N ASP A 130 3.53 4.25 10.56
CA ASP A 130 4.65 4.84 9.83
C ASP A 130 4.38 4.85 8.37
N PHE A 131 4.14 3.69 7.75
CA PHE A 131 4.10 3.66 6.31
C PHE A 131 2.91 4.40 5.69
N GLU A 132 1.81 4.53 6.43
CA GLU A 132 0.67 5.23 5.97
C GLU A 132 0.87 6.74 6.13
N ILE A 133 1.33 7.20 7.30
CA ILE A 133 1.74 8.60 7.41
C ILE A 133 2.74 8.93 6.31
N ARG A 134 3.79 8.15 6.13
CA ARG A 134 4.73 8.55 5.10
C ARG A 134 4.17 8.45 3.70
N HIS A 135 3.19 7.56 3.47
CA HIS A 135 2.62 7.44 2.13
C HIS A 135 1.88 8.74 1.81
N GLN A 136 1.15 9.23 2.76
CA GLN A 136 0.52 10.51 2.57
C GLN A 136 1.55 11.54 2.18
N LEU A 137 2.71 11.53 2.85
CA LEU A 137 3.74 12.54 2.61
C LEU A 137 4.38 12.39 1.27
N THR A 138 4.78 11.18 0.89
CA THR A 138 5.42 11.00 -0.40
C THR A 138 4.50 11.23 -1.62
N GLN A 139 3.20 11.06 -1.46
CA GLN A 139 2.28 11.04 -2.59
C GLN A 139 1.65 12.41 -2.80
N ILE A 140 1.34 13.10 -1.72
CA ILE A 140 0.63 14.34 -1.75
C ILE A 140 1.46 15.57 -1.43
N HIS A 141 2.58 15.39 -0.72
CA HIS A 141 3.34 16.53 -0.21
C HIS A 141 4.80 16.54 -0.59
N GLY A 142 5.26 15.65 -1.48
CA GLY A 142 6.59 15.74 -2.06
C GLY A 142 7.74 15.03 -1.35
N LEU A 143 7.48 14.42 -0.18
CA LEU A 143 8.57 13.73 0.52
C LEU A 143 9.34 12.81 -0.37
N TYR A 144 10.66 12.92 -0.33
CA TYR A 144 11.63 12.15 -1.11
C TYR A 144 11.70 12.40 -2.59
N ARG A 145 10.95 13.38 -3.10
CA ARG A 145 10.88 13.58 -4.56
C ARG A 145 11.67 14.83 -5.04
N SER A 146 12.07 15.71 -4.12
CA SER A 146 13.08 16.76 -4.40
C SER A 146 14.04 17.05 -3.20
N SER A 147 15.24 17.59 -3.49
CA SER A 147 16.34 17.81 -2.49
C SER A 147 15.87 18.66 -1.31
N ASP A 148 15.01 19.58 -1.66
CA ASP A 148 14.18 20.40 -0.80
C ASP A 148 13.38 19.71 0.34
N LYS A 149 13.13 18.39 0.22
CA LYS A 149 12.08 17.69 1.03
C LYS A 149 12.51 16.25 1.26
N THR A 150 13.48 16.06 2.14
CA THR A 150 14.09 14.78 2.27
C THR A 150 14.28 14.37 3.72
N GLY A 151 13.72 15.09 4.66
CA GLY A 151 13.84 14.70 6.05
C GLY A 151 12.75 15.37 6.83
N GLY A 152 12.76 15.20 8.16
CA GLY A 152 11.70 15.79 8.98
C GLY A 152 11.27 14.81 10.03
N TYR A 153 10.03 14.87 10.49
CA TYR A 153 9.55 13.84 11.45
C TYR A 153 8.05 13.65 11.44
N TRP A 154 7.56 12.55 12.01
CA TRP A 154 6.17 12.54 12.50
C TRP A 154 6.21 12.14 13.97
N LYS A 155 5.15 12.45 14.68
CA LYS A 155 5.06 12.21 16.05
C LYS A 155 3.64 12.05 16.44
N ILE A 156 3.36 10.94 17.13
CA ILE A 156 2.03 10.64 17.59
C ILE A 156 1.93 11.00 19.04
N THR A 157 0.75 11.43 19.47
CA THR A 157 0.54 11.75 20.85
C THR A 157 -0.79 11.15 21.30
N MET A 158 -0.75 10.35 22.35
CA MET A 158 -1.97 9.67 22.82
C MET A 158 -2.74 10.53 23.84
N ASN A 159 -4.04 10.25 23.95
CA ASN A 159 -4.86 10.75 25.04
C ASN A 159 -4.18 10.67 26.42
N ASP A 160 -3.46 9.58 26.69
CA ASP A 160 -2.83 9.37 28.00
C ASP A 160 -1.45 10.02 28.14
N GLY A 161 -1.04 10.81 27.15
CA GLY A 161 0.19 11.58 27.25
C GLY A 161 1.37 11.00 26.50
N SER A 162 1.41 9.68 26.32
CA SER A 162 2.57 9.04 25.67
C SER A 162 2.70 9.38 24.18
N THR A 163 3.93 9.22 23.66
CA THR A 163 4.29 9.59 22.31
C THR A 163 5.12 8.55 21.52
N TYR A 164 5.13 8.72 20.19
CA TYR A 164 6.04 7.96 19.30
C TYR A 164 6.46 8.93 18.23
N GLN A 165 7.67 8.78 17.76
CA GLN A 165 8.12 9.65 16.74
C GLN A 165 9.03 8.82 15.88
N SER A 166 9.08 9.19 14.59
CA SER A 166 10.03 8.62 13.65
C SER A 166 10.65 9.73 12.86
N ASP A 167 11.84 9.46 12.35
CA ASP A 167 12.62 10.45 11.62
C ASP A 167 12.54 10.13 10.15
N LEU A 168 11.96 11.08 9.39
CA LEU A 168 11.68 10.89 7.95
C LEU A 168 12.96 10.71 7.18
N SER A 169 14.09 11.19 7.71
CA SER A 169 15.38 11.00 6.97
C SER A 169 15.88 9.57 7.00
N LYS A 170 15.35 8.74 7.91
CA LYS A 170 15.84 7.35 8.02
C LYS A 170 14.71 6.30 7.92
N LYS A 171 15.06 5.09 7.52
CA LYS A 171 14.21 3.87 7.68
C LYS A 171 13.53 3.80 9.05
N PHE A 172 12.30 3.28 9.09
CA PHE A 172 11.66 2.95 10.36
C PHE A 172 12.51 1.95 11.16
N GLU A 173 12.44 2.09 12.49
CA GLU A 173 13.25 1.29 13.39
C GLU A 173 12.45 0.05 13.75
N TYR A 174 12.51 -0.94 12.86
CA TYR A 174 11.80 -2.21 12.98
C TYR A 174 12.34 -3.01 14.21
N ASN A 175 13.66 -3.02 14.32
CA ASN A 175 14.38 -3.66 15.41
C ASN A 175 13.94 -3.24 16.78
N THR A 176 13.41 -2.04 16.95
CA THR A 176 12.99 -1.56 18.25
C THR A 176 11.54 -1.11 18.25
N GLU A 177 10.71 -1.78 17.45
CA GLU A 177 9.33 -1.45 17.39
C GLU A 177 8.61 -1.88 18.63
N LYS A 178 7.65 -1.05 19.00
CA LYS A 178 6.81 -1.17 20.16
C LYS A 178 5.40 -1.71 19.84
N PRO A 179 4.67 -2.15 20.84
CA PRO A 179 3.43 -2.80 20.50
C PRO A 179 2.41 -1.94 19.75
N PRO A 180 1.53 -2.60 18.98
CA PRO A 180 0.45 -1.86 18.30
C PRO A 180 -0.30 -1.05 19.31
N ILE A 181 -0.97 0.01 18.86
CA ILE A 181 -1.71 0.90 19.76
C ILE A 181 -3.14 1.07 19.39
N ASN A 182 -3.96 1.54 20.33
CA ASN A 182 -5.35 1.79 19.99
C ASN A 182 -5.53 3.12 19.28
N ILE A 183 -6.06 3.09 18.07
CA ILE A 183 -6.02 4.30 17.27
C ILE A 183 -7.05 5.27 17.61
N ASP A 184 -8.15 4.85 18.24
CA ASP A 184 -9.08 5.85 18.78
C ASP A 184 -8.50 6.63 19.94
N GLU A 185 -7.36 6.22 20.50
CA GLU A 185 -6.73 7.00 21.57
C GLU A 185 -5.57 7.84 21.05
N ILE A 186 -5.40 7.90 19.74
CA ILE A 186 -4.44 8.89 19.20
C ILE A 186 -5.03 10.29 19.31
N LYS A 187 -4.37 11.17 20.07
CA LYS A 187 -4.88 12.56 20.24
C LYS A 187 -4.52 13.45 19.02
N THR A 188 -3.24 13.51 18.67
CA THR A 188 -2.77 14.19 17.48
C THR A 188 -1.69 13.36 16.79
N ILE A 189 -1.59 13.56 15.48
CA ILE A 189 -0.40 13.16 14.73
C ILE A 189 0.00 14.39 13.97
N GLU A 190 1.28 14.68 14.03
CA GLU A 190 1.80 15.83 13.38
C GLU A 190 2.97 15.34 12.58
N ALA A 191 3.15 15.87 11.38
CA ALA A 191 4.27 15.49 10.55
C ALA A 191 4.75 16.75 9.95
N GLU A 192 6.07 16.85 9.78
CA GLU A 192 6.72 18.06 9.29
C GLU A 192 7.69 17.59 8.30
N ILE A 193 7.73 18.22 7.13
CA ILE A 193 8.80 18.01 6.18
C ILE A 193 9.67 19.25 6.24
N ASN A 194 10.98 19.03 6.11
CA ASN A 194 11.98 20.09 6.27
C ASN A 194 13.06 20.01 5.19
N ALA B 2 2.27 -9.72 -30.88
CA ALA B 2 2.82 -8.89 -29.74
C ALA B 2 1.82 -7.79 -29.26
N VAL B 3 0.81 -8.21 -28.49
CA VAL B 3 -0.42 -7.42 -28.29
C VAL B 3 -0.97 -7.55 -26.85
N VAL B 4 -1.47 -6.45 -26.29
CA VAL B 4 -2.02 -6.54 -24.93
C VAL B 4 -3.49 -6.23 -24.90
N SER B 5 -4.25 -7.00 -24.13
CA SER B 5 -5.68 -6.68 -23.96
C SER B 5 -6.03 -6.02 -22.63
N GLN B 6 -7.12 -5.27 -22.64
CA GLN B 6 -7.60 -4.55 -21.52
C GLN B 6 -9.14 -4.71 -21.52
N HIS B 7 -9.66 -5.48 -20.57
CA HIS B 7 -11.10 -5.66 -20.35
C HIS B 7 -11.49 -5.26 -18.95
N PRO B 8 -12.57 -4.47 -18.82
CA PRO B 8 -13.56 -4.07 -19.80
C PRO B 8 -13.19 -2.80 -20.51
N SER B 9 -13.67 -2.60 -21.75
CA SER B 9 -13.36 -1.37 -22.45
C SER B 9 -14.19 -0.20 -22.00
N ARG B 10 -15.30 -0.47 -21.32
CA ARG B 10 -16.27 0.57 -20.91
C ARG B 10 -16.94 0.25 -19.56
N VAL B 11 -16.94 1.20 -18.62
CA VAL B 11 -17.57 0.93 -17.32
C VAL B 11 -18.34 2.14 -16.95
N ILE B 12 -19.55 1.91 -16.45
CA ILE B 12 -20.42 2.96 -15.93
C ILE B 12 -21.01 2.41 -14.62
N VAL B 13 -20.77 3.14 -13.54
CA VAL B 13 -21.10 2.62 -12.21
C VAL B 13 -21.44 3.78 -11.32
N LYS B 14 -22.05 3.48 -10.17
CA LYS B 14 -22.48 4.54 -9.24
C LYS B 14 -21.40 4.75 -8.20
N SER B 15 -21.25 5.96 -7.70
CA SER B 15 -20.35 6.21 -6.58
C SER B 15 -20.27 5.03 -5.66
N GLY B 16 -19.04 4.69 -5.23
CA GLY B 16 -18.83 3.71 -4.16
C GLY B 16 -18.56 2.32 -4.69
N THR B 17 -18.70 2.14 -5.98
CA THR B 17 -18.47 0.80 -6.50
C THR B 17 -16.98 0.60 -6.80
N SER B 18 -16.55 -0.62 -6.66
CA SER B 18 -15.18 -0.95 -6.84
C SER B 18 -15.00 -1.57 -8.26
N VAL B 19 -14.10 -1.01 -9.05
CA VAL B 19 -13.98 -1.43 -10.44
C VAL B 19 -12.70 -2.21 -10.69
N LYS B 20 -12.81 -3.30 -11.43
CA LYS B 20 -11.63 -4.08 -11.77
C LYS B 20 -11.38 -4.00 -13.25
N ILE B 21 -10.13 -3.70 -13.63
CA ILE B 21 -9.70 -3.74 -15.01
C ILE B 21 -8.52 -4.68 -15.12
N GLU B 22 -8.57 -5.61 -16.05
CA GLU B 22 -7.51 -6.57 -16.28
C GLU B 22 -6.63 -6.19 -17.47
N CYS B 23 -5.34 -6.45 -17.36
CA CYS B 23 -4.38 -6.16 -18.41
C CYS B 23 -3.63 -7.43 -18.67
N ARG B 24 -3.66 -7.89 -19.92
CA ARG B 24 -3.06 -9.16 -20.28
C ARG B 24 -2.10 -9.12 -21.45
N SER B 25 -1.02 -9.87 -21.30
CA SER B 25 -0.14 -10.27 -22.38
C SER B 25 -0.72 -11.39 -23.19
N LEU B 26 -1.08 -11.12 -24.43
CA LEU B 26 -1.76 -12.15 -25.23
C LEU B 26 -0.77 -13.09 -25.89
N ASP B 27 0.29 -12.57 -26.52
CA ASP B 27 1.17 -13.43 -27.33
C ASP B 27 2.64 -13.22 -27.02
N PHE B 28 2.97 -12.97 -25.76
CA PHE B 28 4.38 -12.81 -25.32
C PHE B 28 4.57 -12.84 -23.82
N GLN B 29 5.85 -12.86 -23.43
CA GLN B 29 6.31 -12.97 -22.02
C GLN B 29 6.54 -11.57 -21.45
N ALA B 30 5.64 -11.13 -20.58
CA ALA B 30 5.69 -9.76 -20.09
C ALA B 30 6.53 -9.72 -18.82
N THR B 31 7.15 -8.58 -18.57
CA THR B 31 7.72 -8.28 -17.27
C THR B 31 6.87 -7.13 -16.72
N THR B 32 7.39 -5.93 -16.60
CA THR B 32 6.74 -4.84 -15.93
C THR B 32 5.51 -4.34 -16.66
N MET B 33 4.47 -4.03 -15.91
CA MET B 33 3.32 -3.40 -16.46
C MET B 33 3.14 -2.01 -15.89
N PHE B 34 2.52 -1.15 -16.71
CA PHE B 34 2.24 0.21 -16.30
C PHE B 34 0.76 0.54 -16.40
N TRP B 35 0.31 1.43 -15.55
CA TRP B 35 -1.05 1.89 -15.57
C TRP B 35 -1.06 3.39 -15.69
N TYR B 36 -1.76 3.91 -16.71
CA TYR B 36 -1.84 5.31 -16.94
C TYR B 36 -3.24 5.81 -16.92
N ARG B 37 -3.34 7.09 -16.91
CA ARG B 37 -4.59 7.71 -16.97
C ARG B 37 -4.49 8.95 -17.89
N GLN B 38 -5.45 9.12 -18.79
CA GLN B 38 -5.44 10.25 -19.75
C GLN B 38 -6.51 11.29 -19.45
N PHE B 39 -6.06 12.53 -19.33
CA PHE B 39 -6.95 13.70 -19.18
C PHE B 39 -7.17 14.47 -20.50
N PRO B 40 -8.39 14.28 -21.11
CA PRO B 40 -8.75 14.83 -22.46
C PRO B 40 -8.49 16.34 -22.57
N SER B 43 -1.24 15.47 -21.20
CA SER B 43 -2.22 14.42 -21.56
C SER B 43 -2.19 13.09 -20.69
N LEU B 44 -1.37 12.12 -21.14
CA LEU B 44 -1.17 10.77 -20.54
C LEU B 44 -0.31 10.72 -19.25
N MET B 45 -0.94 10.39 -18.10
CA MET B 45 -0.27 10.42 -16.77
CA MET B 45 -0.25 10.43 -16.81
C MET B 45 0.02 9.01 -16.25
N LEU B 46 1.29 8.74 -15.95
CA LEU B 46 1.67 7.46 -15.35
C LEU B 46 1.15 7.44 -13.96
N MET B 47 0.48 6.34 -13.57
CA MET B 47 -0.04 6.22 -12.22
C MET B 47 0.84 5.32 -11.36
N ALA B 48 1.26 4.18 -11.92
CA ALA B 48 1.97 3.16 -11.15
C ALA B 48 2.74 2.26 -12.07
N THR B 49 3.79 1.67 -11.53
CA THR B 49 4.55 0.67 -12.27
C THR B 49 4.49 -0.63 -11.47
N SER B 50 4.44 -1.78 -12.12
CA SER B 50 4.17 -3.01 -11.38
C SER B 50 4.98 -4.20 -11.87
N ASN B 51 5.84 -4.78 -11.02
CA ASN B 51 6.48 -6.07 -11.31
C ASN B 51 5.85 -7.20 -10.56
N GLU B 52 5.80 -8.33 -11.24
CA GLU B 52 5.33 -9.59 -10.77
C GLU B 52 5.95 -9.88 -9.39
N GLY B 53 5.10 -10.02 -8.37
CA GLY B 53 5.60 -10.49 -7.07
C GLY B 53 5.81 -9.38 -6.08
N SER B 54 6.02 -8.15 -6.57
CA SER B 54 6.20 -7.00 -5.76
C SER B 54 4.94 -6.16 -5.78
N LYS B 55 4.87 -5.19 -4.89
CA LYS B 55 3.76 -4.25 -4.84
C LYS B 55 4.06 -3.13 -5.79
N ALA B 56 3.04 -2.54 -6.35
CA ALA B 56 3.26 -1.55 -7.37
C ALA B 56 3.97 -0.33 -6.77
N THR B 57 4.69 0.43 -7.58
CA THR B 57 5.16 1.76 -7.17
C THR B 57 4.28 2.88 -7.69
N TYR B 58 3.85 3.79 -6.85
CA TYR B 58 2.94 4.83 -7.27
C TYR B 58 3.58 6.19 -7.42
N GLU B 59 3.20 6.86 -8.49
CA GLU B 59 3.67 8.20 -8.82
C GLU B 59 2.93 9.24 -7.97
N GLN B 60 3.48 10.45 -8.00
CA GLN B 60 2.97 11.60 -7.26
C GLN B 60 1.50 11.75 -7.49
N GLY B 61 0.71 11.95 -6.47
CA GLY B 61 -0.70 12.22 -6.64
C GLY B 61 -1.59 10.98 -6.54
N VAL B 62 -1.00 9.78 -6.63
CA VAL B 62 -1.76 8.55 -6.61
C VAL B 62 -1.55 7.78 -5.29
N GLU B 63 -2.67 7.54 -4.59
CA GLU B 63 -2.74 6.85 -3.33
C GLU B 63 -2.95 5.35 -3.49
N LYS B 64 -2.13 4.58 -2.82
CA LYS B 64 -2.04 3.13 -3.07
C LYS B 64 -3.37 2.36 -2.88
N ASP B 65 -4.16 2.77 -1.94
CA ASP B 65 -5.34 2.02 -1.60
C ASP B 65 -6.55 2.46 -2.40
N LYS B 66 -6.45 3.62 -3.08
CA LYS B 66 -7.43 3.98 -4.10
C LYS B 66 -7.25 3.20 -5.39
N PHE B 67 -6.05 2.67 -5.65
CA PHE B 67 -5.71 2.05 -6.90
C PHE B 67 -4.93 0.79 -6.73
N LEU B 68 -5.58 -0.20 -6.16
CA LEU B 68 -4.92 -1.46 -5.90
C LEU B 68 -4.44 -2.05 -7.16
N ILE B 69 -3.32 -2.74 -7.12
CA ILE B 69 -2.79 -3.43 -8.26
C ILE B 69 -2.40 -4.79 -7.80
N ASN B 70 -2.81 -5.80 -8.55
CA ASN B 70 -2.43 -7.20 -8.30
C ASN B 70 -1.65 -7.72 -9.52
N HIS B 71 -0.63 -8.52 -9.32
CA HIS B 71 0.23 -8.86 -10.44
C HIS B 71 0.99 -10.11 -10.08
N ALA B 72 0.23 -11.21 -10.05
CA ALA B 72 0.66 -12.54 -9.54
C ALA B 72 1.16 -13.50 -10.62
N SER B 73 1.00 -13.17 -11.89
CA SER B 73 1.62 -13.99 -12.94
C SER B 73 2.29 -13.09 -13.94
N LEU B 74 3.09 -13.65 -14.82
CA LEU B 74 3.81 -12.87 -15.82
C LEU B 74 2.91 -12.38 -17.00
N THR B 75 1.64 -12.71 -16.91
CA THR B 75 0.69 -12.56 -17.97
C THR B 75 -0.44 -11.60 -17.65
N LEU B 76 -0.67 -11.32 -16.37
CA LEU B 76 -1.85 -10.56 -15.95
C LEU B 76 -1.52 -9.54 -14.87
N SER B 77 -2.14 -8.38 -14.94
CA SER B 77 -2.16 -7.46 -13.82
C SER B 77 -3.56 -6.85 -13.74
N THR B 78 -4.05 -6.53 -12.54
CA THR B 78 -5.46 -6.07 -12.33
C THR B 78 -5.41 -4.81 -11.54
N LEU B 79 -6.05 -3.76 -12.04
CA LEU B 79 -6.16 -2.53 -11.32
C LEU B 79 -7.51 -2.51 -10.72
N THR B 80 -7.67 -2.09 -9.48
CA THR B 80 -9.02 -1.96 -8.96
C THR B 80 -9.20 -0.61 -8.38
N VAL B 81 -10.00 0.26 -8.99
CA VAL B 81 -10.28 1.51 -8.36
C VAL B 81 -11.38 1.22 -7.32
N THR B 82 -10.96 1.30 -6.06
CA THR B 82 -11.79 0.91 -4.94
C THR B 82 -12.67 2.12 -4.59
N SER B 83 -13.89 1.87 -4.11
CA SER B 83 -14.84 2.97 -3.80
C SER B 83 -14.75 4.18 -4.72
N ALA B 84 -15.19 4.02 -5.97
CA ALA B 84 -14.90 4.97 -7.03
C ALA B 84 -15.83 6.12 -6.93
N HIS B 85 -15.42 7.30 -7.36
CA HIS B 85 -16.19 8.49 -7.12
C HIS B 85 -16.17 9.21 -8.45
N PRO B 86 -17.10 10.15 -8.68
CA PRO B 86 -17.16 10.85 -9.95
C PRO B 86 -15.86 11.43 -10.50
N GLU B 87 -15.03 12.02 -9.64
CA GLU B 87 -13.75 12.62 -10.04
C GLU B 87 -12.75 11.58 -10.63
N ASP B 88 -12.97 10.28 -10.36
CA ASP B 88 -12.18 9.22 -10.91
C ASP B 88 -12.63 8.84 -12.31
N SER B 89 -13.64 9.51 -12.83
CA SER B 89 -14.06 9.29 -14.20
C SER B 89 -13.00 9.72 -15.23
N GLY B 90 -12.73 8.81 -16.17
CA GLY B 90 -11.85 9.09 -17.29
C GLY B 90 -11.41 7.84 -18.02
N PHE B 91 -10.28 7.96 -18.70
CA PHE B 91 -9.70 6.90 -19.55
C PHE B 91 -8.42 6.32 -18.95
N TYR B 92 -8.34 5.01 -18.87
CA TYR B 92 -7.26 4.35 -18.16
C TYR B 92 -6.67 3.43 -19.17
N ILE B 93 -5.34 3.40 -19.21
CA ILE B 93 -4.65 2.55 -20.15
C ILE B 93 -3.58 1.75 -19.49
N CYS B 94 -3.45 0.51 -19.87
CA CYS B 94 -2.36 -0.27 -19.40
C CYS B 94 -1.35 -0.55 -20.51
N SER B 95 -0.09 -0.73 -20.13
CA SER B 95 0.92 -1.28 -21.01
C SER B 95 1.84 -2.28 -20.30
N ALA B 96 2.62 -3.01 -21.08
CA ALA B 96 3.59 -3.96 -20.61
C ALA B 96 4.88 -3.89 -21.45
N LEU B 97 6.03 -4.07 -20.79
CA LEU B 97 7.29 -4.40 -21.47
C LEU B 97 7.35 -5.86 -21.86
N ALA B 98 8.16 -6.16 -22.88
CA ALA B 98 8.48 -7.55 -23.29
C ALA B 98 9.89 -7.95 -22.81
N GLY B 99 10.11 -9.27 -22.59
CA GLY B 99 11.41 -9.82 -22.06
C GLY B 99 12.59 -9.89 -23.05
N ASP B 105 13.58 -1.06 -24.44
CA ASP B 105 12.63 -1.11 -23.31
C ASP B 105 11.25 -0.65 -23.80
N THR B 106 10.72 -1.35 -24.81
CA THR B 106 9.49 -0.95 -25.49
C THR B 106 8.16 -1.33 -24.79
N GLN B 107 7.31 -0.35 -24.53
CA GLN B 107 5.99 -0.64 -23.98
C GLN B 107 4.98 -0.97 -25.07
N TYR B 108 4.18 -2.00 -24.86
CA TYR B 108 3.04 -2.30 -25.68
C TYR B 108 1.74 -1.99 -24.93
N PHE B 109 0.86 -1.22 -25.57
CA PHE B 109 -0.34 -0.70 -24.91
C PHE B 109 -1.65 -1.43 -25.19
N GLY B 110 -2.48 -1.51 -24.15
CA GLY B 110 -3.84 -2.00 -24.27
C GLY B 110 -4.78 -0.95 -24.82
N PRO B 111 -5.96 -1.39 -25.24
CA PRO B 111 -6.85 -0.41 -25.88
C PRO B 111 -7.44 0.60 -24.92
N GLY B 112 -7.43 0.31 -23.62
CA GLY B 112 -7.98 1.26 -22.68
C GLY B 112 -9.38 0.99 -22.24
N THR B 113 -9.78 1.70 -21.21
CA THR B 113 -11.05 1.52 -20.56
C THR B 113 -11.60 2.85 -20.26
N ARG B 114 -12.80 3.12 -20.72
CA ARG B 114 -13.48 4.40 -20.47
C ARG B 114 -14.40 4.24 -19.25
N LEU B 115 -14.23 5.09 -18.25
CA LEU B 115 -14.89 4.87 -16.97
C LEU B 115 -15.74 6.06 -16.69
N THR B 116 -16.97 5.77 -16.29
CA THR B 116 -17.88 6.83 -15.88
C THR B 116 -18.49 6.44 -14.55
N VAL B 117 -18.37 7.38 -13.61
CA VAL B 117 -18.83 7.18 -12.27
C VAL B 117 -19.81 8.28 -11.99
N LEU B 118 -20.92 7.89 -11.40
CA LEU B 118 -22.04 8.79 -11.21
C LEU B 118 -22.50 8.89 -9.75
S SO4 C . -0.21 -9.60 -5.77
O1 SO4 C . -0.94 -8.74 -4.88
O2 SO4 C . -1.24 -10.41 -6.38
O3 SO4 C . 0.45 -8.71 -6.69
O4 SO4 C . 0.81 -10.46 -5.19
S SO4 D . -21.85 3.85 -23.72
O1 SO4 D . -22.67 4.19 -24.88
O2 SO4 D . -22.47 2.83 -22.85
O3 SO4 D . -20.61 3.20 -24.21
O4 SO4 D . -21.65 5.10 -23.01
S SO4 E . -14.97 -6.06 -23.02
O1 SO4 E . -15.21 -6.59 -24.37
O2 SO4 E . -14.99 -7.18 -22.05
O3 SO4 E . -13.63 -5.45 -23.15
O4 SO4 E . -15.91 -5.00 -22.64
C1 GOL F . 10.66 -5.30 -2.52
O1 GOL F . 11.71 -5.85 -3.27
C2 GOL F . 9.26 -5.94 -2.81
O2 GOL F . 9.31 -6.89 -3.87
C3 GOL F . 8.25 -4.83 -3.18
O3 GOL F . 6.87 -5.08 -2.98
#